data_7EAY
#
_entry.id   7EAY
#
_cell.length_a   89.923
_cell.length_b   155.333
_cell.length_c   80.627
_cell.angle_alpha   90.000
_cell.angle_beta   90.000
_cell.angle_gamma   90.000
#
_symmetry.space_group_name_H-M   'C 2 2 21'
#
loop_
_entity.id
_entity.type
_entity.pdbx_description
1 polymer "DNA (5'-D(*GP*GP*AP*CP*CP*(J0X)P*(J0X)P*GP*GP*TP*CP*C)-3')"
2 non-polymer 'COPPER (II) ION'
3 non-polymer 'COBALT HEXAMMINE(III)'
4 non-polymer 'POTASSIUM ION'
5 non-polymer 'COBALT (II) ION'
6 water water
#
_entity_poly.entity_id   1
_entity_poly.type   'polydeoxyribonucleotide'
_entity_poly.pdbx_seq_one_letter_code
;(DG)(DG)(DA)(DC)(DC)(J0X)(J0X)(DG)(DG)(DT)(DC)(DC)
;
_entity_poly.pdbx_strand_id   A,B,C,D,E,F,G,H,I,J,K,L
#
loop_
_chem_comp.id
_chem_comp.type
_chem_comp.name
_chem_comp.formula
CO non-polymer 'COBALT (II) ION' 'Co 2'
CU non-polymer 'COPPER (II) ION' 'Cu 2'
DA DNA linking 2'-DEOXYADENOSINE-5'-MONOPHOSPHATE 'C10 H14 N5 O6 P'
DC DNA linking 2'-DEOXYCYTIDINE-5'-MONOPHOSPHATE 'C9 H14 N3 O7 P'
DG DNA linking 2'-DEOXYGUANOSINE-5'-MONOPHOSPHATE 'C10 H14 N5 O7 P'
DT DNA linking THYMIDINE-5'-MONOPHOSPHATE 'C10 H15 N2 O8 P'
J0X DNA linking '2-[[2-oxidanylidene-1-[(2R,4S,5R)-4-oxidanyl-5-(phosphonooxymethyl)oxolan-2-yl]pyrimidin-4-yl]amino]ethanoic acid' 'C11 H16 N3 O9 P'
K non-polymer 'POTASSIUM ION' 'K 1'
NCO non-polymer 'COBALT HEXAMMINE(III)' 'Co H18 N6 3'
#
# COMPACT_ATOMS: atom_id res chain seq x y z
C1' J0X A 6 -0.89 -7.33 3.07
C2 J0X A 6 -1.79 -9.53 2.62
C2' J0X A 6 -1.16 -6.29 1.97
C3' J0X A 6 -0.39 -5.08 2.51
C4 J0X A 6 -3.92 -10.08 3.29
C4' J0X A 6 -0.62 -5.13 3.81
C5 J0X A 6 -4.13 -8.84 3.83
C5' J0X A 6 -1.86 -4.31 4.28
C6 J0X A 6 -3.07 -7.94 3.75
C7 J0X A 6 -7.13 -11.90 4.07
C8 J0X A 6 -6.26 -10.63 3.97
N1 J0X A 6 -1.95 -8.30 3.14
N3 J0X A 6 -2.77 -10.40 2.68
N4 J0X A 6 -5.03 -11.08 3.38
O2 J0X A 6 -0.74 -9.86 2.06
O3' J0X A 6 1.02 -5.43 2.23
O4' J0X A 6 -0.87 -6.66 4.20
O5' J0X A 6 -2.91 -4.36 3.32
O8 J0X A 6 -8.24 -11.86 4.60
O9 J0X A 6 -6.69 -12.97 3.60
OP1 J0X A 6 -4.72 -5.29 4.82
OP2 J0X A 6 -4.51 -2.80 4.62
P J0X A 6 -4.42 -4.12 3.94
C1' J0X A 7 1.17 -6.30 7.47
C2 J0X A 7 0.95 -8.44 6.20
C2' J0X A 7 2.56 -6.66 8.11
C3' J0X A 7 3.59 -6.20 7.07
C4 J0X A 7 -1.05 -9.59 6.22
C4' J0X A 7 2.99 -5.30 6.32
C5 J0X A 7 -1.60 -8.64 7.03
C5' J0X A 7 3.30 -5.50 4.84
C6 J0X A 7 -0.82 -7.56 7.42
C7 J0X A 7 -3.92 -12.09 6.03
C8 J0X A 7 -3.13 -10.87 6.54
N1 J0X A 7 0.43 -7.48 7.00
N3 J0X A 7 0.23 -9.46 5.83
N4 J0X A 7 -1.88 -10.77 5.82
O2 J0X A 7 2.10 -8.40 5.77
O3' J0X A 7 4.67 -5.47 7.72
O4' J0X A 7 1.39 -5.43 6.51
O5' J0X A 7 2.37 -4.59 4.26
O8 J0X A 7 -5.12 -12.23 6.32
O9 J0X A 7 -3.34 -12.93 5.30
OP1 J0X A 7 1.81 -3.08 2.24
OP2 J0X A 7 3.48 -4.87 1.94
P J0X A 7 2.23 -4.45 2.62
C1' J0X B 6 -2.96 -19.05 4.64
C2 J0X B 6 -2.93 -16.65 4.96
C2' J0X B 6 -2.87 -19.80 3.30
C3' J0X B 6 -2.57 -21.24 3.71
C4 J0X B 6 -1.20 -15.35 4.19
C4' J0X B 6 -1.89 -21.16 4.82
C5 J0X B 6 -0.56 -16.45 3.67
C5' J0X B 6 -0.36 -21.22 4.56
C6 J0X B 6 -1.19 -17.68 3.85
C7 J0X B 6 1.26 -12.60 3.59
C8 J0X B 6 0.71 -14.01 3.35
N1 J0X B 6 -2.34 -17.74 4.49
N3 J0X B 6 -2.37 -15.49 4.82
N4 J0X B 6 -0.57 -14.01 4.03
O2 J0X B 6 -4.00 -16.72 5.55
O3' J0X B 6 -3.87 -21.94 3.95
O4' J0X B 6 -2.27 -19.74 5.51
O5' J0X B 6 -0.12 -21.27 3.15
O8 J0X B 6 0.61 -11.81 4.33
O9 J0X B 6 2.34 -12.26 3.06
OP1 J0X B 6 2.34 -21.74 2.47
OP2 J0X B 6 1.17 -19.92 1.33
P J0X B 6 1.32 -20.67 2.61
C1' J0X B 7 -8.36 -18.77 3.40
C2 J0X B 7 -7.54 -16.50 3.47
C2' J0X B 7 -8.66 -19.75 2.24
C3' J0X B 7 -9.01 -21.04 2.98
C4 J0X B 7 -5.56 -15.88 2.45
C4' J0X B 7 -8.31 -21.02 4.10
C5 J0X B 7 -5.35 -17.16 2.00
C5' J0X B 7 -7.06 -21.95 4.09
C6 J0X B 7 -6.32 -18.11 2.34
C7 J0X B 7 -2.59 -13.90 1.13
C8 J0X B 7 -3.42 -15.19 1.31
N1 J0X B 7 -7.39 -17.76 3.06
N3 J0X B 7 -6.65 -15.60 3.18
N4 J0X B 7 -4.56 -14.81 2.12
O2 J0X B 7 -8.52 -16.18 4.13
O3' J0X B 7 -10.46 -21.05 3.29
O4' J0X B 7 -7.81 -19.50 4.35
O5' J0X B 7 -6.24 -21.59 2.98
O8 J0X B 7 -2.88 -12.90 1.83
O9 J0X B 7 -1.64 -13.88 0.31
OP1 J0X B 7 -4.97 -23.87 2.78
OP2 J0X B 7 -4.20 -21.96 1.42
P J0X B 7 -4.79 -22.39 2.72
C1' J0X C 6 3.38 1.15 7.34
C2 J0X C 6 4.44 2.78 8.79
C2' J0X C 6 3.19 1.62 5.88
C3' J0X C 6 2.43 0.43 5.27
C4 J0X C 6 6.73 2.81 9.05
C4' J0X C 6 2.92 -0.62 5.89
C5 J0X C 6 6.89 1.76 8.19
C5' J0X C 6 4.06 -1.30 5.10
C6 J0X C 6 5.73 1.23 7.63
C7 J0X C 6 10.23 3.55 10.26
C8 J0X C 6 9.24 2.80 9.35
N1 J0X C 6 4.55 1.74 7.94
N3 J0X C 6 5.51 3.29 9.32
N4 J0X C 6 7.95 3.40 9.66
O2 J0X C 6 3.34 3.23 9.07
O3' J0X C 6 1.04 0.69 5.73
O4' J0X C 6 3.59 -0.14 7.27
O5' J0X C 6 4.91 -0.29 4.54
O8 J0X C 6 9.78 4.50 10.91
O9 J0X C 6 11.43 3.23 10.34
OP1 J0X C 6 7.20 -1.04 5.42
OP2 J0X C 6 6.44 -1.93 3.26
P J0X C 6 6.46 -0.75 4.17
C1' J0X C 7 2.27 -3.32 9.01
C2 J0X C 7 2.50 -1.12 10.16
C2' J0X C 7 1.14 -3.84 9.94
C3' J0X C 7 -0.16 -3.34 9.27
C4 J0X C 7 4.59 -0.33 10.73
C4' J0X C 7 0.14 -3.10 8.01
C5 J0X C 7 5.17 -1.44 10.19
C5' J0X C 7 -0.51 -1.80 7.53
C6 J0X C 7 4.35 -2.40 9.63
C7 J0X C 7 7.71 1.46 12.03
C8 J0X C 7 6.84 0.26 11.58
N1 J0X C 7 3.04 -2.23 9.62
N3 J0X C 7 3.25 -0.20 10.70
N4 J0X C 7 5.49 0.72 11.35
O2 J0X C 7 1.29 -0.90 10.19
O3' J0X C 7 -1.17 -4.43 9.25
O4' J0X C 7 1.74 -2.97 7.87
O5' J0X C 7 0.07 -1.65 6.23
O8 J0X C 7 7.16 2.49 12.46
O9 J0X C 7 8.96 1.38 11.96
OP1 J0X C 7 -0.16 -0.56 3.91
OP2 J0X C 7 -1.45 0.40 5.70
P J0X C 7 -0.17 -0.28 5.34
C1' J0X D 6 7.50 6.13 17.39
C2 J0X D 6 7.15 4.50 15.63
C2' J0X D 6 7.16 7.65 17.45
C3' J0X D 6 7.20 8.00 18.93
C4 J0X D 6 5.14 4.33 14.51
C4' J0X D 6 6.90 6.89 19.56
C5 J0X D 6 4.60 5.34 15.25
C5' J0X D 6 5.40 6.83 19.93
C6 J0X D 6 5.42 5.92 16.22
C7 J0X D 6 2.19 3.05 12.54
C8 J0X D 6 2.89 4.06 13.47
N1 J0X D 6 6.66 5.50 16.37
N3 J0X D 6 6.41 3.92 14.72
N4 J0X D 6 4.29 3.67 13.48
O2 J0X D 6 8.30 4.11 15.80
O3' J0X D 6 8.56 8.46 19.30
O4' J0X D 6 7.23 5.65 18.57
O5' J0X D 6 4.81 8.08 19.58
O8 J0X D 6 0.98 3.20 12.28
O9 J0X D 6 2.88 2.10 12.09
OP1 J0X D 6 2.29 8.56 20.07
OP2 J0X D 6 3.09 8.79 17.76
P J0X D 6 3.24 8.05 19.05
C1' J0X D 7 12.32 7.82 15.32
C2 J0X D 7 11.14 6.53 13.65
C2' J0X D 7 12.41 9.35 15.54
C3' J0X D 7 13.07 9.49 16.93
C4 J0X D 7 8.88 6.75 13.25
C4' J0X D 7 12.66 8.42 17.59
C5 J0X D 7 8.77 7.72 14.21
C5' J0X D 7 11.46 8.72 18.52
C6 J0X D 7 9.95 8.07 14.89
C7 J0X D 7 5.43 6.37 11.64
C8 J0X D 7 6.44 7.08 12.57
N1 J0X D 7 11.10 7.47 14.60
N3 J0X D 7 10.06 6.18 12.99
N4 J0X D 7 7.66 6.32 12.47
O2 J0X D 7 12.20 5.97 13.37
O3' J0X D 7 14.56 9.41 16.83
O4' J0X D 7 12.28 7.27 16.50
O5' J0X D 7 10.46 9.49 17.85
O8 J0X D 7 4.26 6.83 11.48
O9 J0X D 7 5.79 5.32 11.07
OP1 J0X D 7 9.56 10.67 19.97
OP2 J0X D 7 8.09 10.62 18.01
P J0X D 7 9.13 9.87 18.78
C1' J0X E 6 -8.99 21.35 4.23
C2 J0X E 6 -7.95 23.54 4.33
C2' J0X E 6 -8.41 20.52 3.06
C3' J0X E 6 -9.22 19.23 3.14
C4 J0X E 6 -6.16 23.94 5.71
C4' J0X E 6 -9.44 19.04 4.43
C5 J0X E 6 -6.16 22.65 6.18
C5' J0X E 6 -8.42 18.06 5.07
C6 J0X E 6 -7.14 21.80 5.65
C7 J0X E 6 -3.51 25.82 7.62
C8 J0X E 6 -4.10 24.49 7.11
N1 J0X E 6 -7.99 22.27 4.75
N3 J0X E 6 -7.05 24.34 4.80
N4 J0X E 6 -5.16 24.91 6.22
O2 J0X E 6 -8.73 23.97 3.48
O3' J0X E 6 -10.45 19.50 2.36
O4' J0X E 6 -9.28 20.47 5.16
O5' J0X E 6 -7.11 18.50 4.72
O8 J0X E 6 -3.75 26.85 6.97
O9 J0X E 6 -2.82 25.86 8.66
OP1 J0X E 6 -5.71 18.27 6.90
OP2 J0X E 6 -6.05 16.28 5.44
P J0X E 6 -5.86 17.75 5.50
C1' J0X E 7 -12.15 19.63 7.59
C2 J0X E 7 -11.54 21.90 6.82
C2' J0X E 7 -13.66 19.91 7.91
C3' J0X E 7 -14.40 19.57 6.59
C4 J0X E 7 -9.70 23.01 7.66
C4' J0X E 7 -13.59 18.77 5.93
C5 J0X E 7 -9.42 21.95 8.46
C5' J0X E 7 -13.59 19.05 4.42
C6 J0X E 7 -10.27 20.84 8.41
C7 J0X E 7 -7.02 25.56 8.59
C8 J0X E 7 -7.80 24.23 8.75
N1 J0X E 7 -11.31 20.83 7.60
N3 J0X E 7 -10.76 22.94 6.84
N4 J0X E 7 -8.81 24.22 7.70
O2 J0X E 7 -12.50 21.92 6.04
O3' J0X E 7 -15.73 18.92 6.84
O4' J0X E 7 -12.08 19.05 6.41
O5' J0X E 7 -12.23 18.77 4.08
O8 J0X E 7 -7.45 26.45 7.84
O9 J0X E 7 -5.96 25.73 9.22
OP1 J0X E 7 -11.39 17.17 2.18
OP2 J0X E 7 -12.82 19.03 1.57
P J0X E 7 -11.76 18.57 2.50
C1' J0X F 6 -7.83 32.53 8.11
C2 J0X F 6 -7.80 30.11 8.08
C2' J0X F 6 -7.46 33.39 6.88
C3' J0X F 6 -7.90 34.80 7.26
C4 J0X F 6 -9.15 28.90 6.69
C4' J0X F 6 -8.86 34.65 8.16
C5 J0X F 6 -9.70 30.03 6.16
C5' J0X F 6 -10.24 34.89 7.52
C6 J0X F 6 -9.22 31.24 6.67
C7 J0X F 6 -11.28 26.39 4.94
C8 J0X F 6 -10.38 27.63 4.96
N1 J0X F 6 -8.30 31.24 7.61
N3 J0X F 6 -8.22 28.97 7.64
N4 J0X F 6 -9.61 27.58 6.17
O2 J0X F 6 -6.93 30.12 8.96
O3' J0X F 6 -6.74 35.50 7.85
O4' J0X F 6 -8.79 33.14 8.73
O5' J0X F 6 -10.09 34.98 6.10
O8 J0X F 6 -12.24 26.36 4.14
O9 J0X F 6 -11.01 25.45 5.72
OP1 J0X F 6 -12.37 35.66 5.06
OP2 J0X F 6 -11.04 33.94 3.90
P J0X F 6 -11.42 34.52 5.23
C1' J0X F 7 -2.28 32.58 8.40
C2 J0X F 7 -2.99 30.33 7.84
C2' J0X F 7 -1.68 33.71 7.52
C3' J0X F 7 -1.59 34.90 8.47
C4 J0X F 7 -4.51 29.87 6.18
C4' J0X F 7 -2.62 34.74 9.30
C5 J0X F 7 -4.63 31.20 5.88
C5' J0X F 7 -3.85 35.59 8.90
C6 J0X F 7 -3.87 32.10 6.64
C7 J0X F 7 -7.02 28.15 3.81
C8 J0X F 7 -6.21 29.35 4.37
N1 J0X F 7 -3.08 31.64 7.60
N3 J0X F 7 -3.69 29.48 7.15
N4 J0X F 7 -5.31 28.87 5.39
O2 J0X F 7 -2.24 29.91 8.74
O3' J0X F 7 -0.32 34.85 9.25
O4' J0X F 7 -3.03 33.17 9.30
O5' J0X F 7 -4.18 35.35 7.53
O8 J0X F 7 -7.75 28.31 2.80
O9 J0X F 7 -6.95 27.04 4.38
OP1 J0X F 7 -5.47 37.56 7.02
OP2 J0X F 7 -5.78 35.69 5.49
P J0X F 7 -5.57 36.07 6.91
C1' J0X G 6 -13.92 12.32 5.71
C2 J0X G 6 -15.39 10.50 6.38
C2' J0X G 6 -13.31 12.11 4.29
C3' J0X G 6 -12.46 13.37 4.15
C4 J0X G 6 -17.64 10.55 5.98
C4' J0X G 6 -13.15 14.32 4.76
C5 J0X G 6 -17.54 11.77 5.37
C5' J0X G 6 -14.05 15.15 3.82
C6 J0X G 6 -16.27 12.34 5.29
C7 J0X G 6 -21.37 9.83 6.02
C8 J0X G 6 -20.11 10.49 5.40
N1 J0X G 6 -15.24 11.69 5.80
N3 J0X G 6 -16.56 9.94 6.46
N4 J0X G 6 -18.98 9.90 6.09
O2 J0X G 6 -14.42 9.89 6.85
O3' J0X G 6 -11.24 13.08 4.93
O4' J0X G 6 -14.08 13.61 5.85
O5' J0X G 6 -14.49 14.40 2.70
O8 J0X G 6 -22.50 10.33 5.84
O9 J0X G 6 -21.20 8.80 6.70
OP1 J0X G 6 -16.93 14.84 3.29
OP2 J0X G 6 -15.95 16.16 1.48
P J0X G 6 -15.98 14.83 2.14
C1' J0X G 7 -13.63 16.45 8.39
C2 J0X G 7 -14.17 14.10 8.99
C2' J0X G 7 -12.79 16.73 9.66
C3' J0X G 7 -11.37 16.31 9.29
C4 J0X G 7 -16.32 13.32 8.70
C4' J0X G 7 -11.32 16.31 7.98
C5 J0X G 7 -16.73 14.53 8.24
C5' J0X G 7 -10.53 15.10 7.46
C6 J0X G 7 -15.78 15.53 8.16
C7 J0X G 7 -19.61 11.38 8.77
C8 J0X G 7 -18.71 12.63 8.78
N1 J0X G 7 -14.54 15.31 8.53
N3 J0X G 7 -15.03 13.14 9.08
N4 J0X G 7 -17.32 12.21 8.81
O2 J0X G 7 -13.03 13.85 9.34
O3' J0X G 7 -10.44 17.37 9.73
O4' J0X G 7 -12.82 16.24 7.39
O5' J0X G 7 -10.60 15.30 6.05
O8 J0X G 7 -20.81 11.51 8.41
O9 J0X G 7 -19.14 10.27 9.14
OP1 J0X G 7 -9.87 14.75 3.68
OP2 J0X G 7 -8.81 13.53 5.56
P J0X G 7 -10.05 14.15 5.01
C1' J0X H 6 -21.02 5.98 13.37
C2 J0X H 6 -20.31 7.77 11.89
C2' J0X H 6 -20.96 4.51 12.92
C3' J0X H 6 -21.23 3.70 14.19
C4 J0X H 6 -18.09 8.15 11.41
C4' J0X H 6 -21.08 4.50 15.21
C5 J0X H 6 -17.70 7.11 12.20
C5' J0X H 6 -19.87 4.05 16.05
C6 J0X H 6 -18.72 6.41 12.85
C7 J0X H 6 -14.73 9.56 10.45
C8 J0X H 6 -15.69 8.41 10.75
N1 J0X H 6 -19.98 6.74 12.68
N3 J0X H 6 -19.39 8.45 11.27
N4 J0X H 6 -17.04 8.94 10.70
O2 J0X H 6 -21.49 8.09 11.73
O3' J0X H 6 -22.63 3.17 14.18
O4' J0X H 6 -20.75 5.98 14.65
O5' J0X H 6 -18.84 3.68 15.12
O8 J0X H 6 -15.19 10.65 10.06
O9 J0X H 6 -13.51 9.39 10.63
OP1 J0X H 6 -17.09 3.02 16.92
OP2 J0X H 6 -16.29 3.40 14.62
P J0X H 6 -17.28 3.79 15.66
C1' J0X H 7 -25.07 4.70 9.34
C2 J0X H 7 -23.55 6.35 8.38
C2' J0X H 7 -25.13 3.14 9.34
C3' J0X H 7 -26.14 2.79 10.43
C4 J0X H 7 -21.24 6.08 8.48
C4' J0X H 7 -26.02 3.76 11.32
C5 J0X H 7 -21.38 4.90 9.14
C5' J0X H 7 -25.10 3.39 12.51
C6 J0X H 7 -22.68 4.47 9.41
C7 J0X H 7 -17.43 6.57 8.22
C8 J0X H 7 -18.73 5.87 8.67
N1 J0X H 7 -23.72 5.19 9.04
N3 J0X H 7 -22.35 6.77 8.12
N4 J0X H 7 -19.86 6.60 8.16
O2 J0X H 7 -24.51 7.03 8.03
O3' J0X H 7 -27.53 2.81 9.90
O4' J0X H 7 -25.44 5.06 10.56
O5' J0X H 7 -23.99 2.62 12.07
O8 J0X H 7 -17.50 7.67 7.63
O9 J0X H 7 -16.32 6.02 8.45
OP1 J0X H 7 -23.80 0.93 14.04
OP2 J0X H 7 -21.80 1.29 12.67
P J0X H 7 -23.02 1.93 13.24
C1' J0X I 6 7.20 -13.30 -18.52
C2 J0X I 6 5.95 -14.66 -20.11
C2' J0X I 6 6.52 -11.95 -18.22
C3' J0X I 6 7.56 -11.31 -17.31
C4 J0X I 6 4.54 -16.31 -19.37
C4' J0X I 6 8.05 -12.29 -16.58
C5 J0X I 6 4.81 -16.02 -18.06
C5' J0X I 6 7.39 -12.45 -15.18
C6 J0X I 6 5.72 -15.00 -17.83
C7 J0X I 6 2.10 -19.19 -19.24
C8 J0X I 6 2.80 -17.96 -18.63
N1 J0X I 6 6.26 -14.34 -18.85
N3 J0X I 6 5.12 -15.62 -20.36
N4 J0X I 6 3.58 -17.39 -19.71
O2 J0X I 6 6.45 -14.08 -21.07
O3' J0X I 6 8.58 -10.78 -18.25
O4' J0X I 6 7.77 -13.64 -17.40
O5' J0X I 6 5.98 -12.63 -15.39
O8 J0X I 6 1.63 -20.08 -18.50
O9 J0X I 6 2.03 -19.24 -20.49
OP1 J0X I 6 5.13 -14.65 -14.07
OP2 J0X I 6 5.43 -12.56 -12.84
P J0X I 6 5.07 -13.17 -14.14
C1' J0X I 7 11.26 -14.96 -16.40
C2 J0X I 7 10.19 -15.57 -18.54
C2' J0X I 7 12.72 -15.19 -16.91
C3' J0X I 7 13.14 -13.85 -17.51
C4 J0X I 7 8.46 -17.10 -18.58
C4' J0X I 7 12.37 -12.96 -16.92
C5 J0X I 7 8.54 -17.25 -17.23
C5' J0X I 7 11.90 -11.84 -17.88
C6 J0X I 7 9.50 -16.51 -16.54
C7 J0X I 7 5.71 -19.57 -19.48
C8 J0X I 7 6.83 -18.98 -18.60
N1 J0X I 7 10.29 -15.70 -17.21
N3 J0X I 7 9.30 -16.25 -19.21
N4 J0X I 7 7.46 -17.90 -19.34
O2 J0X I 7 10.89 -14.81 -19.19
O3' J0X I 7 14.56 -13.60 -17.16
O4' J0X I 7 11.02 -13.68 -16.44
O5' J0X I 7 10.86 -11.25 -17.10
O8 J0X I 7 4.83 -20.29 -18.95
O9 J0X I 7 5.70 -19.32 -20.71
OP1 J0X I 7 9.51 -9.13 -16.61
OP2 J0X I 7 10.58 -9.33 -18.81
P J0X I 7 9.90 -10.03 -17.70
C1' J0X J 6 5.39 -22.64 -25.92
C2 J0X J 6 5.72 -21.46 -23.83
C2' J0X J 6 4.77 -22.03 -27.20
C3' J0X J 6 4.96 -23.13 -28.23
C4 J0X J 6 6.87 -19.48 -23.77
C4' J0X J 6 6.11 -23.68 -27.92
C5 J0X J 6 7.09 -19.51 -25.12
C5' J0X J 6 7.28 -23.09 -28.76
C6 J0X J 6 6.56 -20.60 -25.80
C7 J0X J 6 8.80 -16.43 -23.02
C8 J0X J 6 7.78 -17.17 -23.87
N1 J0X J 6 5.91 -21.53 -25.14
N3 J0X J 6 6.20 -20.45 -23.15
N4 J0X J 6 7.43 -18.30 -23.04
O2 J0X J 6 5.11 -22.35 -23.24
O3' J0X J 6 3.86 -24.10 -27.99
O4' J0X J 6 6.37 -23.39 -26.35
O5' J0X J 6 6.77 -22.03 -29.58
O8 J0X J 6 8.74 -16.66 -21.79
O9 J0X J 6 9.63 -15.65 -23.52
OP1 J0X J 6 8.69 -20.98 -31.05
OP2 J0X J 6 7.12 -19.47 -29.95
P J0X J 6 7.83 -20.77 -29.85
C1' J0X J 7 0.07 -23.54 -24.41
C2 J0X J 7 1.00 -21.85 -22.96
C2' J0X J 7 -0.79 -23.49 -25.70
C3' J0X J 7 -0.84 -24.97 -26.11
C4 J0X J 7 2.25 -20.09 -23.70
C4' J0X J 7 0.33 -25.48 -25.75
C5 J0X J 7 2.12 -20.51 -25.00
C5' J0X J 7 1.35 -25.49 -26.91
C6 J0X J 7 1.38 -21.68 -25.22
C7 J0X J 7 4.36 -16.88 -24.00
C8 J0X J 7 3.73 -18.20 -24.50
N1 J0X J 7 0.83 -22.31 -24.20
N3 J0X J 7 1.67 -20.78 -22.72
N4 J0X J 7 3.03 -18.84 -23.39
O2 J0X J 7 0.49 -22.46 -22.01
O3' J0X J 7 -1.94 -25.67 -25.39
O4' J0X J 7 0.89 -24.56 -24.55
O5' J0X J 7 1.33 -24.21 -27.53
O8 J0X J 7 4.48 -16.67 -22.77
O9 J0X J 7 4.77 -16.04 -24.84
OP1 J0X J 7 2.29 -24.97 -29.79
OP2 J0X J 7 2.34 -22.56 -29.31
P J0X J 7 2.45 -23.93 -28.73
C1' J0X K 6 13.69 -9.34 -11.50
C2 J0X K 6 15.57 -8.84 -10.05
C2' J0X K 6 12.84 -8.12 -11.88
C3' J0X K 6 11.77 -8.79 -12.74
C4 J0X K 6 17.63 -8.26 -10.93
C4' J0X K 6 12.43 -9.69 -13.45
C5 J0X K 6 17.17 -8.37 -12.21
C5' J0X K 6 13.02 -9.16 -14.79
C6 J0X K 6 15.84 -8.74 -12.36
C7 J0X K 6 21.29 -7.27 -11.26
C8 J0X K 6 19.84 -7.36 -11.78
N1 J0X K 6 15.08 -8.96 -11.29
N3 J0X K 6 16.80 -8.50 -9.89
N4 J0X K 6 19.05 -7.89 -10.69
O2 J0X K 6 14.86 -9.05 -9.06
O3' J0X K 6 10.91 -9.49 -11.75
O4' J0X K 6 13.63 -10.18 -12.51
O5' J0X K 6 13.38 -7.79 -14.67
O8 J0X K 6 21.47 -7.28 -10.03
O9 J0X K 6 22.24 -7.17 -12.08
OP1 J0X K 6 15.69 -8.04 -15.76
OP2 J0X K 6 13.81 -7.30 -17.16
P J0X K 6 14.44 -7.24 -15.82
C1' J0X K 7 13.49 -13.71 -13.75
C2 J0X K 7 14.58 -12.95 -11.64
C2' J0X K 7 12.97 -15.06 -13.20
C3' J0X K 7 11.56 -14.75 -12.65
C4 J0X K 7 16.73 -12.10 -11.70
C4' J0X K 7 11.18 -13.63 -13.23
C5 J0X K 7 16.78 -12.28 -13.05
C5' J0X K 7 10.52 -12.70 -12.20
C6 J0X K 7 15.67 -12.83 -13.69
C7 J0X K 7 20.17 -10.72 -10.98
C8 J0X K 7 19.16 -11.57 -11.78
N1 J0X K 7 14.60 -13.15 -12.98
N3 J0X K 7 15.61 -12.45 -11.02
N4 J0X K 7 17.94 -11.53 -11.01
O2 J0X K 7 13.59 -13.24 -10.95
O3' J0X K 7 10.63 -15.82 -13.06
O4' J0X K 7 12.48 -12.87 -13.80
O5' J0X K 7 10.08 -11.61 -13.00
O8 J0X K 7 19.96 -10.61 -9.76
O9 J0X K 7 21.15 -10.18 -11.57
OP1 J0X K 7 8.77 -9.39 -13.14
OP2 J0X K 7 8.80 -10.61 -11.02
P J0X K 7 9.56 -10.23 -12.22
C1' J0X L 6 23.69 -11.64 -4.91
C2 J0X L 6 22.15 -11.36 -6.77
C2' J0X L 6 23.83 -10.61 -3.76
C3' J0X L 6 24.31 -11.39 -2.53
C4 J0X L 6 19.87 -11.48 -6.49
C4' J0X L 6 24.28 -12.68 -2.83
C5 J0X L 6 20.00 -11.72 -5.16
C5' J0X L 6 23.23 -13.44 -1.98
C6 J0X L 6 21.30 -11.78 -4.65
C7 J0X L 6 16.18 -11.98 -7.14
C8 J0X L 6 17.39 -11.69 -6.25
N1 J0X L 6 22.34 -11.59 -5.46
N3 J0X L 6 20.96 -11.31 -7.27
N4 J0X L 6 18.51 -11.42 -7.12
O2 J0X L 6 23.10 -11.18 -7.52
O3' J0X L 6 25.70 -10.98 -2.18
O4' J0X L 6 23.91 -12.83 -4.40
O5' J0X L 6 22.43 -12.49 -1.26
O8 J0X L 6 15.06 -12.15 -6.61
O9 J0X L 6 16.36 -12.05 -8.38
OP1 J0X L 6 21.08 -14.01 0.41
OP2 J0X L 6 20.07 -11.88 -0.28
P J0X L 6 20.96 -13.02 -0.70
C1' J0X L 7 26.43 -7.31 -6.44
C2 J0X L 7 24.41 -7.33 -7.78
C2' J0X L 7 26.82 -6.48 -5.20
C3' J0X L 7 28.19 -7.06 -4.81
C4 J0X L 7 22.30 -7.60 -6.85
C4' J0X L 7 28.07 -8.35 -5.08
C5 J0X L 7 22.84 -7.68 -5.60
C5' J0X L 7 27.69 -9.21 -3.83
C6 J0X L 7 24.23 -7.58 -5.49
C7 J0X L 7 18.55 -8.13 -6.52
C8 J0X L 7 19.97 -8.08 -5.94
N1 J0X L 7 24.97 -7.41 -6.57
N3 J0X L 7 23.11 -7.42 -7.91
N4 J0X L 7 20.82 -7.70 -7.06
O2 J0X L 7 25.09 -7.18 -8.80
O3' J0X L 7 29.26 -6.46 -5.65
O4' J0X L 7 26.93 -8.51 -6.22
O5' J0X L 7 26.48 -8.74 -3.22
O8 J0X L 7 17.55 -8.22 -5.76
O9 J0X L 7 18.44 -8.09 -7.77
OP1 J0X L 7 27.19 -9.44 -0.84
OP2 J0X L 7 24.83 -8.82 -1.15
P J0X L 7 26.03 -9.45 -1.78
CU CU M . -1.33 -12.45 4.97
CU CU N . -4.80 -12.95 2.76
CO NCO O . -6.58 -17.86 -10.06
N1 NCO O . -7.55 -19.08 -11.29
N2 NCO O . -5.59 -16.63 -8.86
N3 NCO O . -5.42 -17.28 -11.56
N4 NCO O . -7.88 -16.41 -10.47
N5 NCO O . -7.74 -18.43 -8.56
N6 NCO O . -5.28 -19.29 -9.65
CO NCO P . -10.21 -14.70 7.12
N1 NCO P . -11.02 -15.49 8.74
N2 NCO P . -9.43 -13.90 5.48
N3 NCO P . -11.67 -13.35 7.05
N4 NCO P . -11.24 -15.95 5.97
N5 NCO P . -8.73 -16.02 7.21
N6 NCO P . -9.15 -13.46 8.25
K K Q . 0.73 -1.04 1.79
CU CU R . 4.99 2.19 12.45
CU CU S . 7.80 4.91 11.03
CO NCO T . 2.86 -8.79 15.01
N1 NCO T . 3.79 -10.27 14.07
N2 NCO T . 1.91 -7.32 15.93
N3 NCO T . 1.51 -8.77 13.57
N4 NCO T . 3.97 -7.45 14.08
N5 NCO T . 4.18 -8.84 16.49
N6 NCO T . 1.76 -10.15 15.97
CO NCO U . 6.95 18.47 8.83
N1 NCO U . 7.80 20.25 8.59
N2 NCO U . 6.07 16.72 9.08
N3 NCO U . 5.36 19.07 7.80
N4 NCO U . 6.09 19.12 10.49
N5 NCO U . 8.54 17.87 9.82
N6 NCO U . 7.81 17.83 7.16
CO NCO V . -6.03 -0.50 8.03
N1 NCO V . -5.00 0.14 9.61
N2 NCO V . -7.04 -1.16 6.45
N3 NCO V . -7.72 -0.20 9.01
N4 NCO V . -6.07 1.34 7.32
N5 NCO V . -4.33 -0.82 7.06
N6 NCO V . -5.98 -2.35 8.76
CO CO W . 4.06 -13.20 22.69
CU CU X . -9.23 25.97 6.85
CU CU Y . -5.31 26.88 5.80
CO NCO Z . -19.52 24.22 23.31
N1 NCO Z . -20.10 24.76 21.49
N2 NCO Z . -18.95 23.69 25.14
N3 NCO Z . -19.64 26.08 23.99
N4 NCO Z . -21.39 23.95 23.90
N5 NCO Z . -19.41 22.37 22.63
N6 NCO Z . -17.65 24.47 22.72
CO NCO AA . -15.80 20.48 14.59
N1 NCO AA . -15.70 22.37 14.00
N2 NCO AA . -15.92 18.60 15.16
N3 NCO AA . -14.67 20.88 16.17
N4 NCO AA . -17.43 20.93 15.63
N5 NCO AA . -16.93 20.07 13.01
N6 NCO AA . -14.17 20.06 13.56
CO NCO BA . 0.32 33.28 -4.63
N1 NCO BA . -1.26 34.29 -3.96
N2 NCO BA . 1.88 32.25 -5.31
N3 NCO BA . 1.41 33.82 -3.08
N4 NCO BA . -0.24 31.65 -3.64
N5 NCO BA . -0.78 32.77 -6.20
N6 NCO BA . 0.93 34.90 -5.61
CO NCO CA . -12.14 30.51 -7.54
N1 NCO CA . -13.70 30.41 -6.32
N2 NCO CA . -10.56 30.58 -8.74
N3 NCO CA . -12.88 32.15 -8.35
N4 NCO CA . -13.09 29.38 -8.86
N5 NCO CA . -11.41 28.87 -6.71
N6 NCO CA . -11.20 31.66 -6.22
K K DA . -9.71 15.59 1.35
CU CU EA . -17.09 10.68 9.76
CU CU FA . -19.39 8.21 7.12
CO NCO GA . -17.43 -4.92 3.31
N1 NCO GA . -16.69 -3.09 3.58
N2 NCO GA . -18.15 -6.75 3.01
N3 NCO GA . -19.21 -4.26 3.86
N4 NCO GA . -16.96 -5.35 5.18
N5 NCO GA . -15.64 -5.56 2.74
N6 NCO GA . -17.90 -4.48 1.42
CO NCO HA . -5.11 13.85 9.50
N1 NCO HA . -6.24 15.17 10.44
N2 NCO HA . -3.98 12.51 8.57
N3 NCO HA . -6.17 12.36 10.29
N4 NCO HA . -3.90 13.85 11.08
N5 NCO HA . -4.05 15.33 8.71
N6 NCO HA . -6.30 13.82 7.93
K K IA . -21.76 0.77 -5.60
CU CU JA . 7.39 -18.08 -21.24
CU CU KA . 3.34 -18.09 -21.54
CO NCO LA . 16.46 -21.04 -14.96
N1 NCO LA . 18.40 -21.33 -15.29
N2 NCO LA . 14.53 -20.75 -14.65
N3 NCO LA . 16.78 -20.98 -13.01
N4 NCO LA . 16.15 -23.00 -14.89
N5 NCO LA . 16.13 -21.10 -16.91
N6 NCO LA . 16.79 -19.08 -15.03
CO NCO MA . -5.35 -13.42 -30.39
N1 NCO MA . -6.73 -12.21 -29.64
N2 NCO MA . -3.94 -14.62 -31.11
N3 NCO MA . -6.51 -14.96 -29.93
N4 NCO MA . -6.20 -13.32 -32.18
N5 NCO MA . -4.20 -11.88 -30.89
N6 NCO MA . -4.51 -13.51 -28.59
CO NCO NA . 14.61 -8.51 -21.37
N1 NCO NA . 14.11 -9.28 -23.13
N2 NCO NA . 15.08 -7.71 -19.61
N3 NCO NA . 15.37 -10.24 -20.79
N4 NCO NA . 12.84 -9.02 -20.63
N5 NCO NA . 13.87 -6.77 -21.96
N6 NCO NA . 16.38 -7.98 -22.10
K K OA . 8.29 -7.90 -15.01
CO NCO PA . 0.59 -24.57 -18.44
N1 NCO PA . 1.39 -25.59 -19.96
N2 NCO PA . -0.19 -23.56 -16.93
N3 NCO PA . -0.94 -24.04 -19.59
N4 NCO PA . 1.59 -22.95 -19.01
N5 NCO PA . 2.11 -25.10 -17.28
N6 NCO PA . -0.42 -26.20 -17.91
CU CU QA . 18.08 -11.50 -9.08
CU CU RA . 20.02 -7.69 -8.95
CO NCO SA . 18.48 1.97 1.73
N1 NCO SA . 19.39 3.25 2.94
N2 NCO SA . 17.52 0.71 0.52
N3 NCO SA . 16.75 2.31 2.63
N4 NCO SA . 18.80 0.46 2.96
N5 NCO SA . 20.19 1.58 0.82
N6 NCO SA . 18.19 3.50 0.49
CO NCO TA . 8.26 -5.64 2.16
N1 NCO TA . 6.59 -4.67 1.68
N2 NCO TA . 9.92 -6.59 2.64
N3 NCO TA . 8.15 -4.95 4.01
N4 NCO TA . 9.32 -4.03 1.67
N5 NCO TA . 8.35 -6.32 0.31
N6 NCO TA . 7.17 -7.21 2.65
#